data_5O4F
#
_entry.id   5O4F
#
_cell.length_a   131.392
_cell.length_b   56.205
_cell.length_c   87.462
_cell.angle_alpha   90.00
_cell.angle_beta   90.00
_cell.angle_gamma   90.00
#
_symmetry.space_group_name_H-M   'P 2 2 21'
#
loop_
_entity.id
_entity.type
_entity.pdbx_description
1 polymer 'Glutamate receptor ionotropic, kainate 3'
2 non-polymer GLYCEROL
3 non-polymer '(3~{a}~{R},4~{S},6~{a}~{R})-1-methyl-4,5,6,6~{a}-tetrahydro-3~{a}~{H}-pyrrolo[3,4-c]pyrazole-3,4-dicarboxylic acid'
4 non-polymer 'ZINC ION'
5 non-polymer 'CHLORIDE ION'
6 non-polymer 'ACETATE ION'
7 water water
#
_entity_poly.entity_id   1
_entity_poly.type   'polypeptide(L)'
_entity_poly.pdbx_seq_one_letter_code
;GPGTNRSLIVTTLLEEPFVMFRKSDRTLYGNDRFEGYCIDLLKELAHILGFSYEIRLVEDGKYGAQDDKGQWNGMVKELI
DHKADLAVAPLTITHVREKAIDFSKPFMTLGVSILYRKGTPIDSADDLAKQTKIEYGAVKDGATMTFFKKSKISTFEKMW
AFMSSKPSALVKNNEEGIQRTLTADYALLMESTTIEYITQRNCNLTQIGGLIDSKGYGIGTPMGSPYRDKITIAILQLQE
EDKLHIMKEKWWRGSGCP
;
_entity_poly.pdbx_strand_id   B,A
#
# COMPACT_ATOMS: atom_id res chain seq x y z
N ARG A 6 -29.46 7.42 18.54
CA ARG A 6 -29.95 8.14 17.38
C ARG A 6 -29.10 7.83 16.16
N SER A 7 -29.73 7.83 14.98
CA SER A 7 -28.98 7.68 13.75
C SER A 7 -27.98 8.83 13.60
N LEU A 8 -26.81 8.50 13.07
CA LEU A 8 -25.83 9.54 12.77
C LEU A 8 -26.16 10.17 11.43
N ILE A 9 -25.91 11.47 11.32
CA ILE A 9 -26.05 12.18 10.06
C ILE A 9 -24.70 12.14 9.34
N VAL A 10 -24.68 11.57 8.15
CA VAL A 10 -23.48 11.46 7.34
C VAL A 10 -23.62 12.43 6.19
N THR A 11 -22.70 13.38 6.09
CA THR A 11 -22.67 14.27 4.94
C THR A 11 -21.71 13.69 3.91
N THR A 12 -22.08 13.81 2.65
CA THR A 12 -21.27 13.30 1.57
C THR A 12 -21.59 14.10 0.31
N LEU A 13 -21.08 13.63 -0.82
CA LEU A 13 -21.02 14.45 -2.02
C LEU A 13 -20.86 13.53 -3.22
N LEU A 14 -21.65 13.77 -4.26
CA LEU A 14 -21.62 12.89 -5.42
C LEU A 14 -20.29 13.03 -6.14
N GLU A 15 -19.60 11.91 -6.32
CA GLU A 15 -18.25 11.91 -6.86
C GLU A 15 -17.87 10.50 -7.25
N GLU A 16 -17.69 10.24 -8.53
CA GLU A 16 -17.37 8.90 -9.00
C GLU A 16 -15.93 8.55 -8.68
N PRO A 17 -15.65 7.30 -8.24
CA PRO A 17 -16.55 6.19 -7.93
C PRO A 17 -16.86 6.08 -6.44
N PHE A 18 -16.74 7.20 -5.73
CA PHE A 18 -16.87 7.19 -4.28
C PHE A 18 -18.33 7.15 -3.84
N VAL A 19 -19.15 8.04 -4.41
CA VAL A 19 -20.55 8.17 -4.03
C VAL A 19 -21.34 8.49 -5.30
N MET A 20 -22.31 7.64 -5.63
CA MET A 20 -23.05 7.78 -6.86
C MET A 20 -24.50 7.35 -6.63
N PHE A 21 -25.39 7.89 -7.43
CA PHE A 21 -26.76 7.39 -7.48
C PHE A 21 -26.76 6.06 -8.23
N ARG A 22 -27.22 5.00 -7.58
CA ARG A 22 -27.21 3.71 -8.25
C ARG A 22 -28.35 3.65 -9.27
N LYS A 23 -28.13 2.87 -10.32
CA LYS A 23 -29.07 2.82 -11.43
C LYS A 23 -30.28 1.99 -11.07
N SER A 24 -31.46 2.45 -11.49
CA SER A 24 -32.71 1.84 -11.09
C SER A 24 -33.80 2.20 -12.09
N ASP A 25 -34.75 1.28 -12.27
CA ASP A 25 -35.90 1.57 -13.11
C ASP A 25 -36.87 2.52 -12.43
N ARG A 26 -36.91 2.50 -11.10
CA ARG A 26 -37.81 3.33 -10.32
C ARG A 26 -37.01 4.39 -9.57
N THR A 27 -37.72 5.21 -8.81
CA THR A 27 -37.11 6.23 -7.98
C THR A 27 -36.86 5.65 -6.60
N LEU A 28 -35.59 5.64 -6.19
CA LEU A 28 -35.21 5.13 -4.88
C LEU A 28 -35.19 6.29 -3.88
N TYR A 29 -35.19 5.94 -2.60
CA TYR A 29 -35.19 6.95 -1.55
C TYR A 29 -34.31 6.52 -0.40
N GLY A 30 -33.98 7.50 0.44
CA GLY A 30 -33.11 7.31 1.58
C GLY A 30 -31.73 6.80 1.19
N ASN A 31 -31.15 6.01 2.08
CA ASN A 31 -29.78 5.51 1.87
C ASN A 31 -29.71 4.59 0.66
N ASP A 32 -30.81 3.94 0.30
CA ASP A 32 -30.80 3.02 -0.81
C ASP A 32 -30.51 3.71 -2.14
N ARG A 33 -30.55 5.04 -2.17
CA ARG A 33 -30.21 5.77 -3.39
C ARG A 33 -28.77 5.58 -3.82
N PHE A 34 -27.86 5.30 -2.88
CA PHE A 34 -26.44 5.50 -3.12
C PHE A 34 -25.67 4.20 -3.22
N GLU A 35 -24.57 4.26 -3.97
CA GLU A 35 -23.60 3.18 -4.05
C GLU A 35 -22.23 3.82 -4.27
N GLY A 36 -21.19 3.03 -4.05
CA GLY A 36 -19.84 3.49 -4.32
C GLY A 36 -18.86 3.08 -3.23
N TYR A 37 -17.58 3.37 -3.46
CA TYR A 37 -16.54 3.00 -2.51
C TYR A 37 -16.85 3.54 -1.12
N CYS A 38 -17.23 4.82 -1.02
CA CYS A 38 -17.45 5.42 0.30
C CYS A 38 -18.75 4.93 0.92
N ILE A 39 -19.72 4.52 0.10
CA ILE A 39 -20.92 3.88 0.62
C ILE A 39 -20.59 2.51 1.21
N ASP A 40 -19.78 1.72 0.51
CA ASP A 40 -19.30 0.45 1.08
C ASP A 40 -18.49 0.69 2.35
N LEU A 41 -17.62 1.70 2.34
CA LEU A 41 -16.88 2.03 3.56
C LEU A 41 -17.84 2.38 4.70
N LEU A 42 -18.84 3.20 4.41
CA LEU A 42 -19.81 3.58 5.44
C LEU A 42 -20.52 2.35 6.00
N LYS A 43 -20.95 1.45 5.12
CA LYS A 43 -21.59 0.23 5.60
C LYS A 43 -20.66 -0.57 6.51
N GLU A 44 -19.39 -0.70 6.11
CA GLU A 44 -18.42 -1.38 6.97
C GLU A 44 -18.28 -0.67 8.31
N LEU A 45 -18.18 0.66 8.28
CA LEU A 45 -18.01 1.41 9.53
C LEU A 45 -19.23 1.29 10.42
N ALA A 46 -20.43 1.44 9.84
CA ALA A 46 -21.66 1.33 10.62
C ALA A 46 -21.77 -0.04 11.27
N HIS A 47 -21.36 -1.10 10.57
CA HIS A 47 -21.45 -2.44 11.15
C HIS A 47 -20.45 -2.62 12.28
N ILE A 48 -19.18 -2.29 12.03
CA ILE A 48 -18.14 -2.49 13.04
C ILE A 48 -18.48 -1.71 14.30
N LEU A 49 -18.92 -0.47 14.15
CA LEU A 49 -19.19 0.38 15.28
C LEU A 49 -20.65 0.31 15.74
N GLY A 50 -21.49 -0.41 15.00
CA GLY A 50 -22.88 -0.58 15.39
C GLY A 50 -23.66 0.71 15.55
N PHE A 51 -23.69 1.53 14.52
CA PHE A 51 -24.59 2.68 14.47
C PHE A 51 -25.44 2.61 13.21
N SER A 52 -26.56 3.31 13.26
CA SER A 52 -27.41 3.54 12.11
C SER A 52 -27.23 4.98 11.66
N TYR A 53 -27.64 5.28 10.44
CA TYR A 53 -27.23 6.54 9.84
C TYR A 53 -28.20 6.95 8.75
N GLU A 54 -28.18 8.24 8.44
CA GLU A 54 -28.91 8.81 7.32
C GLU A 54 -27.93 9.62 6.47
N ILE A 55 -27.86 9.28 5.19
CA ILE A 55 -26.97 10.00 4.27
C ILE A 55 -27.66 11.26 3.80
N ARG A 56 -26.92 12.37 3.84
CA ARG A 56 -27.41 13.65 3.33
C ARG A 56 -26.31 14.28 2.48
N LEU A 57 -26.62 14.55 1.21
CA LEU A 57 -25.67 15.26 0.36
C LEU A 57 -25.51 16.70 0.84
N VAL A 58 -24.26 17.15 0.88
CA VAL A 58 -23.98 18.50 1.35
C VAL A 58 -24.66 19.50 0.42
N GLU A 59 -25.34 20.48 1.02
CA GLU A 59 -26.22 21.37 0.26
C GLU A 59 -25.44 22.09 -0.85
N ASP A 60 -24.33 22.73 -0.50
CA ASP A 60 -23.58 23.50 -1.48
C ASP A 60 -22.69 22.63 -2.38
N GLY A 61 -22.72 21.31 -2.20
CA GLY A 61 -21.97 20.42 -3.07
C GLY A 61 -20.48 20.63 -3.08
N LYS A 62 -19.91 21.09 -1.97
CA LYS A 62 -18.49 21.37 -1.90
C LYS A 62 -17.84 20.55 -0.78
N TYR A 63 -16.56 20.24 -0.96
CA TYR A 63 -15.83 19.51 0.07
C TYR A 63 -15.51 20.42 1.26
N GLY A 64 -14.95 21.60 1.00
CA GLY A 64 -14.67 22.55 2.04
C GLY A 64 -13.45 23.40 1.76
N ALA A 65 -13.63 24.70 1.60
CA ALA A 65 -12.52 25.64 1.52
C ALA A 65 -12.86 26.89 2.32
N GLN A 66 -11.85 27.72 2.54
CA GLN A 66 -12.02 28.99 3.25
C GLN A 66 -12.08 30.16 2.27
N ASP A 67 -12.81 31.20 2.67
CA ASP A 67 -12.84 32.46 1.95
C ASP A 67 -11.77 33.39 2.53
N ASP A 68 -11.76 34.64 2.08
CA ASP A 68 -10.77 35.59 2.57
C ASP A 68 -10.98 35.91 4.05
N LYS A 69 -12.22 35.85 4.52
CA LYS A 69 -12.52 36.05 5.93
C LYS A 69 -12.30 34.79 6.76
N GLY A 70 -11.88 33.69 6.15
CA GLY A 70 -11.58 32.48 6.90
C GLY A 70 -12.77 31.62 7.24
N GLN A 71 -13.90 31.83 6.58
CA GLN A 71 -15.10 31.04 6.83
C GLN A 71 -15.13 29.83 5.91
N TRP A 72 -15.62 28.70 6.44
CA TRP A 72 -15.62 27.44 5.73
C TRP A 72 -16.97 27.19 5.04
N ASN A 73 -16.92 26.51 3.91
CA ASN A 73 -18.09 26.00 3.22
C ASN A 73 -18.03 24.48 3.17
N GLY A 74 -19.01 23.88 2.49
CA GLY A 74 -18.93 22.47 2.19
C GLY A 74 -19.16 21.57 3.39
N MET A 75 -18.70 20.32 3.23
CA MET A 75 -18.83 19.34 4.30
C MET A 75 -18.05 19.78 5.53
N VAL A 76 -16.88 20.40 5.34
CA VAL A 76 -16.11 20.91 6.48
C VAL A 76 -16.99 21.82 7.32
N LYS A 77 -17.76 22.69 6.67
CA LYS A 77 -18.65 23.59 7.41
C LYS A 77 -19.74 22.81 8.13
N GLU A 78 -20.34 21.83 7.45
CA GLU A 78 -21.39 21.03 8.08
C GLU A 78 -20.90 20.41 9.37
N LEU A 79 -19.64 19.95 9.39
CA LEU A 79 -19.09 19.39 10.61
C LEU A 79 -18.87 20.48 11.67
N ILE A 80 -18.26 21.59 11.27
CA ILE A 80 -18.02 22.70 12.19
C ILE A 80 -19.31 23.10 12.90
N ASP A 81 -20.40 23.23 12.15
CA ASP A 81 -21.69 23.62 12.73
C ASP A 81 -22.46 22.44 13.32
N HIS A 82 -21.86 21.27 13.42
CA HIS A 82 -22.52 20.09 13.99
C HIS A 82 -23.82 19.77 13.28
N LYS A 83 -23.91 20.08 11.99
CA LYS A 83 -25.05 19.66 11.18
C LYS A 83 -24.89 18.23 10.67
N ALA A 84 -23.70 17.64 10.79
CA ALA A 84 -23.47 16.25 10.45
C ALA A 84 -22.47 15.66 11.43
N ASP A 85 -22.63 14.37 11.71
CA ASP A 85 -21.74 13.67 12.63
C ASP A 85 -20.48 13.16 11.93
N LEU A 86 -20.59 12.80 10.65
CA LEU A 86 -19.49 12.23 9.89
C LEU A 86 -19.50 12.78 8.47
N ALA A 87 -18.31 12.99 7.93
CA ALA A 87 -18.13 13.21 6.50
C ALA A 87 -17.46 11.96 5.94
N VAL A 88 -18.23 11.14 5.24
CA VAL A 88 -17.73 9.93 4.60
C VAL A 88 -17.59 10.25 3.11
N ALA A 89 -16.38 10.62 2.72
CA ALA A 89 -16.10 11.08 1.37
C ALA A 89 -14.59 11.07 1.13
N PRO A 90 -14.12 11.25 -0.10
CA PRO A 90 -12.68 11.41 -0.32
C PRO A 90 -12.20 12.76 0.19
N LEU A 91 -12.30 12.98 1.49
CA LEU A 91 -11.99 14.28 2.09
C LEU A 91 -10.49 14.31 2.39
N THR A 92 -9.76 15.13 1.63
CA THR A 92 -8.31 15.15 1.73
C THR A 92 -7.86 15.74 3.06
N ILE A 93 -6.96 15.03 3.74
CA ILE A 93 -6.44 15.47 5.02
C ILE A 93 -5.40 16.57 4.77
N THR A 94 -5.70 17.78 5.23
CA THR A 94 -4.79 18.90 5.06
C THR A 94 -4.54 19.60 6.40
N HIS A 95 -3.35 20.17 6.52
CA HIS A 95 -2.99 21.00 7.67
C HIS A 95 -4.11 21.96 8.05
N VAL A 96 -4.58 22.73 7.07
CA VAL A 96 -5.57 23.78 7.33
C VAL A 96 -6.88 23.17 7.84
N ARG A 97 -7.34 22.10 7.20
CA ARG A 97 -8.58 21.46 7.63
C ARG A 97 -8.44 20.83 9.01
N GLU A 98 -7.26 20.32 9.34
CA GLU A 98 -7.04 19.73 10.66
C GLU A 98 -7.24 20.74 11.79
N LYS A 99 -7.08 22.05 11.50
CA LYS A 99 -7.33 23.06 12.51
C LYS A 99 -8.81 23.28 12.79
N ALA A 100 -9.70 22.78 11.94
CA ALA A 100 -11.12 23.04 12.07
C ALA A 100 -11.95 21.79 12.35
N ILE A 101 -11.51 20.63 11.90
CA ILE A 101 -12.21 19.37 12.12
C ILE A 101 -11.20 18.31 12.48
N ASP A 102 -11.70 17.16 12.91
CA ASP A 102 -10.87 16.00 13.16
C ASP A 102 -11.02 15.00 12.02
N PHE A 103 -9.95 14.27 11.75
CA PHE A 103 -9.94 13.21 10.76
C PHE A 103 -9.59 11.89 11.43
N SER A 104 -10.23 10.82 10.95
CA SER A 104 -9.69 9.50 11.22
C SER A 104 -8.31 9.38 10.60
N LYS A 105 -7.62 8.28 10.89
CA LYS A 105 -6.44 7.96 10.12
C LYS A 105 -6.86 7.76 8.67
N PRO A 106 -5.94 7.91 7.73
CA PRO A 106 -6.33 7.81 6.31
C PRO A 106 -6.80 6.40 5.95
N PHE A 107 -7.84 6.33 5.13
CA PHE A 107 -8.29 5.07 4.57
C PHE A 107 -7.78 4.87 3.15
N MET A 108 -7.13 5.87 2.57
CA MET A 108 -6.60 5.77 1.22
C MET A 108 -5.49 6.80 1.10
N THR A 109 -4.42 6.44 0.42
CA THR A 109 -3.30 7.34 0.19
C THR A 109 -3.24 7.66 -1.30
N LEU A 110 -2.70 8.83 -1.61
CA LEU A 110 -2.79 9.37 -2.97
C LEU A 110 -1.81 10.51 -3.12
N GLY A 111 -1.87 11.18 -4.27
CA GLY A 111 -1.10 12.39 -4.51
C GLY A 111 -1.68 13.13 -5.71
N VAL A 112 -1.25 14.38 -5.85
CA VAL A 112 -1.58 15.17 -7.03
C VAL A 112 -0.86 14.61 -8.24
N SER A 113 -1.55 14.55 -9.37
CA SER A 113 -0.92 14.17 -10.63
C SER A 113 -1.66 14.88 -11.76
N ILE A 114 -1.43 14.44 -13.00
CA ILE A 114 -1.84 15.17 -14.19
C ILE A 114 -2.69 14.25 -15.06
N LEU A 115 -3.85 14.75 -15.48
CA LEU A 115 -4.69 14.08 -16.47
C LEU A 115 -4.54 14.79 -17.81
N TYR A 116 -4.21 14.03 -18.85
CA TYR A 116 -3.97 14.62 -20.16
C TYR A 116 -4.25 13.61 -21.25
N ARG A 117 -4.59 14.12 -22.44
CA ARG A 117 -4.80 13.24 -23.58
C ARG A 117 -3.52 12.46 -23.89
N LYS A 118 -3.70 11.29 -24.49
CA LYS A 118 -2.61 10.35 -24.71
C LYS A 118 -1.70 10.82 -25.84
N GLY A 119 -0.47 10.28 -25.84
CA GLY A 119 0.45 10.45 -26.94
C GLY A 119 0.93 11.87 -27.18
N THR A 120 1.93 12.32 -26.42
CA THR A 120 2.51 13.63 -26.57
C THR A 120 3.94 13.59 -26.08
N PRO A 121 4.75 14.62 -26.34
CA PRO A 121 6.08 14.68 -25.72
C PRO A 121 6.05 14.85 -24.21
N ILE A 122 4.89 15.13 -23.62
CA ILE A 122 4.85 15.51 -22.22
C ILE A 122 5.09 14.28 -21.34
N ASP A 123 5.93 14.44 -20.32
CA ASP A 123 6.22 13.34 -19.42
C ASP A 123 6.25 13.74 -17.95
N SER A 124 5.96 14.99 -17.62
CA SER A 124 6.13 15.47 -16.25
C SER A 124 5.51 16.85 -16.15
N ALA A 125 5.34 17.30 -14.90
CA ALA A 125 4.91 18.67 -14.68
C ALA A 125 5.91 19.63 -15.33
N ASP A 126 7.21 19.32 -15.20
CA ASP A 126 8.23 20.23 -15.71
C ASP A 126 8.01 20.50 -17.20
N ASP A 127 7.86 19.45 -18.00
CA ASP A 127 7.51 19.59 -19.41
C ASP A 127 6.30 20.50 -19.60
N LEU A 128 5.36 20.46 -18.65
CA LEU A 128 4.13 21.24 -18.78
C LEU A 128 4.37 22.72 -18.47
N ALA A 129 5.16 23.03 -17.44
CA ALA A 129 5.36 24.42 -17.06
C ALA A 129 6.24 25.16 -18.06
N LYS A 130 7.24 24.48 -18.63
CA LYS A 130 8.22 25.13 -19.50
C LYS A 130 7.74 25.29 -20.94
N GLN A 131 6.47 25.04 -21.22
CA GLN A 131 5.89 25.24 -22.54
C GLN A 131 4.58 26.01 -22.38
N THR A 132 4.05 26.47 -23.52
CA THR A 132 2.89 27.36 -23.53
C THR A 132 1.73 26.86 -24.38
N LYS A 133 1.97 25.99 -25.37
CA LYS A 133 0.91 25.52 -26.25
C LYS A 133 -0.21 24.84 -25.45
N ILE A 134 0.16 23.94 -24.54
CA ILE A 134 -0.82 23.16 -23.79
C ILE A 134 -1.25 23.95 -22.56
N GLU A 135 -2.53 24.31 -22.51
CA GLU A 135 -3.08 24.92 -21.31
C GLU A 135 -3.20 23.86 -20.21
N TYR A 136 -3.30 24.31 -18.98
CA TYR A 136 -3.44 23.40 -17.86
C TYR A 136 -4.01 24.15 -16.67
N GLY A 137 -4.59 23.40 -15.74
CA GLY A 137 -5.24 24.01 -14.61
C GLY A 137 -5.67 23.00 -13.58
N ALA A 138 -6.60 23.42 -12.73
CA ALA A 138 -7.08 22.60 -11.63
C ALA A 138 -8.47 23.08 -11.24
N VAL A 139 -9.15 22.27 -10.43
CA VAL A 139 -10.44 22.67 -9.89
C VAL A 139 -10.23 23.85 -8.94
N LYS A 140 -11.07 24.88 -9.08
CA LYS A 140 -10.92 26.07 -8.28
C LYS A 140 -11.22 25.78 -6.81
N ASP A 141 -10.29 26.18 -5.94
CA ASP A 141 -10.41 26.03 -4.48
C ASP A 141 -10.39 24.58 -4.02
N GLY A 142 -10.00 23.65 -4.89
CA GLY A 142 -9.78 22.29 -4.45
C GLY A 142 -8.45 22.13 -3.75
N ALA A 143 -8.34 21.04 -2.98
CA ALA A 143 -7.08 20.76 -2.30
C ALA A 143 -5.89 20.78 -3.25
N THR A 144 -6.09 20.33 -4.49
CA THR A 144 -5.01 20.33 -5.46
C THR A 144 -4.57 21.74 -5.85
N MET A 145 -5.52 22.63 -6.11
CA MET A 145 -5.16 24.01 -6.43
C MET A 145 -4.43 24.66 -5.27
N THR A 146 -4.95 24.46 -4.05
CA THR A 146 -4.28 25.00 -2.86
C THR A 146 -2.83 24.52 -2.77
N PHE A 147 -2.56 23.29 -3.18
CA PHE A 147 -1.19 22.80 -3.16
C PHE A 147 -0.28 23.70 -4.00
N PHE A 148 -0.68 23.99 -5.23
CA PHE A 148 0.14 24.82 -6.10
C PHE A 148 0.25 26.24 -5.56
N LYS A 149 -0.86 26.80 -5.07
CA LYS A 149 -0.84 28.13 -4.51
C LYS A 149 0.20 28.25 -3.40
N LYS A 150 0.18 27.30 -2.46
CA LYS A 150 1.06 27.36 -1.29
C LYS A 150 2.48 26.90 -1.57
N SER A 151 2.75 26.32 -2.74
CA SER A 151 4.05 25.70 -2.98
C SER A 151 5.16 26.75 -3.06
N LYS A 152 6.36 26.33 -2.66
CA LYS A 152 7.57 27.10 -2.85
C LYS A 152 8.54 26.45 -3.85
N ILE A 153 8.13 25.36 -4.47
CA ILE A 153 8.95 24.70 -5.48
C ILE A 153 8.86 25.48 -6.78
N SER A 154 9.99 25.59 -7.48
CA SER A 154 10.06 26.41 -8.68
C SER A 154 8.98 26.03 -9.69
N THR A 155 8.96 24.77 -10.11
CA THR A 155 8.06 24.37 -11.19
C THR A 155 6.59 24.50 -10.82
N PHE A 156 6.28 24.59 -9.54
CA PHE A 156 4.89 24.67 -9.10
C PHE A 156 4.45 26.10 -8.79
N GLU A 157 5.38 26.94 -8.33
CA GLU A 157 5.13 28.37 -8.34
C GLU A 157 4.86 28.87 -9.76
N LYS A 158 5.63 28.37 -10.73
CA LYS A 158 5.40 28.75 -12.12
C LYS A 158 4.02 28.30 -12.58
N MET A 159 3.70 27.03 -12.40
CA MET A 159 2.39 26.52 -12.79
C MET A 159 1.27 27.28 -12.09
N TRP A 160 1.46 27.60 -10.81
CA TRP A 160 0.47 28.42 -10.11
C TRP A 160 0.34 29.79 -10.75
N ALA A 161 1.47 30.38 -11.17
CA ALA A 161 1.42 31.67 -11.85
C ALA A 161 0.55 31.60 -13.09
N PHE A 162 0.79 30.60 -13.95
CA PHE A 162 -0.04 30.42 -15.14
C PHE A 162 -1.51 30.25 -14.78
N MET A 163 -1.81 29.15 -14.08
N MET A 163 -1.83 29.21 -14.01
CA MET A 163 -3.16 28.84 -13.62
CA MET A 163 -3.24 28.89 -13.78
C MET A 163 -3.91 30.07 -13.14
C MET A 163 -3.97 29.97 -13.00
N SER A 164 -3.27 30.82 -12.25
CA SER A 164 -3.93 31.89 -11.52
C SER A 164 -4.12 33.16 -12.36
N SER A 165 -3.31 33.36 -13.39
CA SER A 165 -3.44 34.54 -14.25
C SER A 165 -4.50 34.31 -15.32
N LYS A 166 -4.30 33.30 -16.16
CA LYS A 166 -5.28 32.92 -17.16
C LYS A 166 -6.57 32.49 -16.46
N PRO A 167 -7.65 33.27 -16.53
CA PRO A 167 -8.85 32.95 -15.75
C PRO A 167 -9.73 31.84 -16.32
N SER A 168 -9.33 31.22 -17.43
CA SER A 168 -10.03 30.04 -17.94
C SER A 168 -9.37 28.74 -17.51
N ALA A 169 -8.15 28.80 -16.97
CA ALA A 169 -7.44 27.59 -16.58
C ALA A 169 -8.16 26.84 -15.47
N LEU A 170 -8.66 27.57 -14.46
CA LEU A 170 -9.31 26.94 -13.32
C LEU A 170 -10.75 26.57 -13.67
N VAL A 171 -11.13 25.35 -13.31
CA VAL A 171 -12.45 24.81 -13.64
C VAL A 171 -13.25 24.69 -12.35
N LYS A 172 -14.56 24.51 -12.52
CA LYS A 172 -15.47 24.51 -11.37
C LYS A 172 -15.48 23.16 -10.66
N ASN A 173 -15.22 22.07 -11.37
CA ASN A 173 -15.21 20.75 -10.75
C ASN A 173 -14.52 19.77 -11.68
N ASN A 174 -14.33 18.54 -11.17
CA ASN A 174 -13.66 17.52 -11.96
C ASN A 174 -14.43 17.21 -13.22
N GLU A 175 -15.76 17.20 -13.14
CA GLU A 175 -16.58 16.97 -14.31
C GLU A 175 -16.23 17.95 -15.44
N GLU A 176 -16.24 19.25 -15.12
CA GLU A 176 -15.87 20.23 -16.14
C GLU A 176 -14.43 20.06 -16.58
N GLY A 177 -13.53 19.79 -15.62
CA GLY A 177 -12.13 19.65 -15.96
C GLY A 177 -11.90 18.48 -16.90
N ILE A 178 -12.53 17.34 -16.60
CA ILE A 178 -12.40 16.17 -17.47
C ILE A 178 -13.01 16.46 -18.85
N GLN A 179 -14.11 17.23 -18.89
CA GLN A 179 -14.63 17.69 -20.17
C GLN A 179 -13.54 18.42 -20.96
N ARG A 180 -12.82 19.33 -20.31
CA ARG A 180 -11.84 20.16 -21.01
C ARG A 180 -10.72 19.32 -21.59
N THR A 181 -10.25 18.32 -20.85
CA THR A 181 -9.18 17.47 -21.37
C THR A 181 -9.62 16.72 -22.62
N LEU A 182 -10.92 16.46 -22.74
CA LEU A 182 -11.45 15.70 -23.87
C LEU A 182 -11.77 16.57 -25.08
N THR A 183 -12.03 17.85 -24.88
CA THR A 183 -12.40 18.76 -25.97
C THR A 183 -11.28 19.69 -26.38
N ALA A 184 -10.51 20.21 -25.42
CA ALA A 184 -9.44 21.16 -25.69
C ALA A 184 -8.08 20.50 -25.54
N ASP A 185 -7.03 21.30 -25.75
CA ASP A 185 -5.66 20.87 -25.51
C ASP A 185 -5.29 21.35 -24.11
N TYR A 186 -5.66 20.54 -23.12
CA TYR A 186 -5.71 20.98 -21.74
C TYR A 186 -5.39 19.80 -20.84
N ALA A 187 -4.55 20.05 -19.84
CA ALA A 187 -4.16 19.05 -18.86
C ALA A 187 -4.73 19.44 -17.51
N LEU A 188 -5.33 18.49 -16.82
CA LEU A 188 -5.99 18.74 -15.55
C LEU A 188 -5.10 18.28 -14.39
N LEU A 189 -4.86 19.18 -13.44
CA LEU A 189 -4.20 18.84 -12.20
C LEU A 189 -5.27 18.41 -11.20
N MET A 190 -5.18 17.17 -10.72
CA MET A 190 -6.15 16.65 -9.75
CA MET A 190 -6.18 16.60 -9.82
C MET A 190 -5.51 15.46 -9.05
N GLU A 191 -6.31 14.74 -8.27
CA GLU A 191 -5.78 13.69 -7.42
C GLU A 191 -5.72 12.35 -8.16
N SER A 192 -4.68 11.58 -7.82
CA SER A 192 -4.35 10.37 -8.56
C SER A 192 -5.44 9.32 -8.49
N THR A 193 -6.28 9.37 -7.45
CA THR A 193 -7.38 8.42 -7.34
C THR A 193 -8.35 8.59 -8.49
N THR A 194 -8.79 9.83 -8.72
CA THR A 194 -9.67 10.13 -9.85
C THR A 194 -9.01 9.80 -11.17
N ILE A 195 -7.71 10.09 -11.30
CA ILE A 195 -7.03 9.86 -12.58
C ILE A 195 -7.02 8.38 -12.91
N GLU A 196 -6.71 7.52 -11.92
CA GLU A 196 -6.73 6.09 -12.17
C GLU A 196 -8.13 5.63 -12.58
N TYR A 197 -9.16 6.13 -11.89
CA TYR A 197 -10.54 5.78 -12.26
C TYR A 197 -10.84 6.19 -13.70
N ILE A 198 -10.48 7.43 -14.07
CA ILE A 198 -10.83 7.93 -15.40
C ILE A 198 -10.02 7.21 -16.48
N THR A 199 -8.72 7.02 -16.27
CA THR A 199 -7.90 6.42 -17.33
C THR A 199 -8.19 4.94 -17.53
N GLN A 200 -8.80 4.26 -16.55
CA GLN A 200 -9.23 2.89 -16.75
C GLN A 200 -10.48 2.80 -17.62
N ARG A 201 -11.20 3.91 -17.77
CA ARG A 201 -12.45 3.95 -18.51
C ARG A 201 -12.37 4.76 -19.79
N ASN A 202 -11.39 5.65 -19.91
CA ASN A 202 -11.19 6.48 -21.10
C ASN A 202 -9.77 6.20 -21.61
N CYS A 203 -9.68 5.32 -22.61
CA CYS A 203 -8.37 4.89 -23.10
C CYS A 203 -7.66 5.97 -23.90
N ASN A 204 -8.31 7.09 -24.15
CA ASN A 204 -7.67 8.21 -24.84
C ASN A 204 -7.04 9.20 -23.85
N LEU A 205 -7.29 9.04 -22.56
CA LEU A 205 -6.66 9.84 -21.52
C LEU A 205 -5.63 9.00 -20.79
N THR A 206 -4.74 9.69 -20.07
CA THR A 206 -3.66 9.01 -19.37
C THR A 206 -3.13 9.93 -18.27
N GLN A 207 -2.44 9.33 -17.31
CA GLN A 207 -1.73 10.09 -16.30
C GLN A 207 -0.37 10.52 -16.85
N ILE A 208 0.01 11.77 -16.57
CA ILE A 208 1.29 12.31 -16.98
C ILE A 208 2.22 12.34 -15.78
N GLY A 209 3.33 11.62 -15.86
CA GLY A 209 4.26 11.58 -14.76
C GLY A 209 3.72 10.79 -13.57
N GLY A 210 4.31 11.06 -12.41
CA GLY A 210 3.92 10.36 -11.20
C GLY A 210 3.21 11.27 -10.23
N LEU A 211 3.30 10.95 -8.94
CA LEU A 211 2.69 11.77 -7.91
C LEU A 211 3.66 12.87 -7.53
N ILE A 212 3.15 14.10 -7.42
CA ILE A 212 3.99 15.25 -7.08
C ILE A 212 3.94 15.58 -5.60
N ASP A 213 2.98 15.03 -4.86
CA ASP A 213 3.02 15.06 -3.41
C ASP A 213 2.37 13.78 -2.89
N SER A 214 2.12 13.73 -1.59
CA SER A 214 1.56 12.55 -0.95
C SER A 214 0.57 13.00 0.11
N LYS A 215 -0.60 12.37 0.14
CA LYS A 215 -1.63 12.74 1.10
C LYS A 215 -2.59 11.56 1.25
N GLY A 216 -3.57 11.74 2.12
CA GLY A 216 -4.55 10.70 2.36
C GLY A 216 -5.95 11.28 2.47
N TYR A 217 -6.93 10.40 2.33
CA TYR A 217 -8.32 10.70 2.61
C TYR A 217 -8.68 10.17 4.00
N GLY A 218 -9.45 10.96 4.75
CA GLY A 218 -9.90 10.53 6.06
C GLY A 218 -11.38 10.81 6.24
N ILE A 219 -11.97 10.08 7.19
CA ILE A 219 -13.33 10.37 7.62
C ILE A 219 -13.29 11.63 8.48
N GLY A 220 -14.10 12.62 8.12
CA GLY A 220 -14.17 13.85 8.88
C GLY A 220 -15.22 13.75 9.98
N THR A 221 -14.90 14.32 11.12
CA THR A 221 -15.83 14.45 12.24
C THR A 221 -15.67 15.86 12.81
N PRO A 222 -16.68 16.34 13.54
CA PRO A 222 -16.48 17.61 14.24
C PRO A 222 -15.36 17.47 15.26
N MET A 223 -14.60 18.54 15.44
CA MET A 223 -13.48 18.50 16.36
C MET A 223 -13.93 18.00 17.72
N GLY A 224 -13.20 17.03 18.26
CA GLY A 224 -13.56 16.46 19.53
C GLY A 224 -14.60 15.38 19.49
N SER A 225 -14.97 14.91 18.30
CA SER A 225 -15.99 13.87 18.21
C SER A 225 -15.52 12.61 18.91
N PRO A 226 -16.39 11.92 19.66
CA PRO A 226 -16.01 10.63 20.23
C PRO A 226 -15.81 9.55 19.17
N TYR A 227 -16.39 9.73 17.98
CA TYR A 227 -16.35 8.70 16.95
C TYR A 227 -15.03 8.65 16.19
N ARG A 228 -14.23 9.72 16.23
CA ARG A 228 -13.01 9.75 15.42
C ARG A 228 -12.11 8.56 15.73
N ASP A 229 -11.85 8.32 17.02
CA ASP A 229 -10.94 7.25 17.39
C ASP A 229 -11.55 5.88 17.11
N LYS A 230 -12.87 5.75 17.29
CA LYS A 230 -13.53 4.49 16.92
C LYS A 230 -13.41 4.23 15.42
N ILE A 231 -13.58 5.27 14.60
CA ILE A 231 -13.46 5.11 13.16
CA ILE A 231 -13.47 5.09 13.17
C ILE A 231 -12.05 4.70 12.78
N THR A 232 -11.05 5.35 13.38
CA THR A 232 -9.67 4.96 13.14
C THR A 232 -9.46 3.49 13.44
N ILE A 233 -9.97 3.02 14.58
CA ILE A 233 -9.83 1.60 14.93
C ILE A 233 -10.51 0.74 13.87
N ALA A 234 -11.67 1.18 13.38
CA ALA A 234 -12.39 0.40 12.38
C ALA A 234 -11.61 0.36 11.06
N ILE A 235 -11.02 1.49 10.65
CA ILE A 235 -10.24 1.51 9.42
C ILE A 235 -9.05 0.55 9.54
N LEU A 236 -8.37 0.57 10.69
CA LEU A 236 -7.26 -0.34 10.90
C LEU A 236 -7.70 -1.80 10.79
N GLN A 237 -8.90 -2.10 11.31
CA GLN A 237 -9.44 -3.45 11.18
C GLN A 237 -9.66 -3.80 9.72
N LEU A 238 -10.25 -2.89 8.94
CA LEU A 238 -10.50 -3.15 7.53
C LEU A 238 -9.20 -3.36 6.76
N GLN A 239 -8.15 -2.61 7.13
CA GLN A 239 -6.83 -2.84 6.54
C GLN A 239 -6.35 -4.25 6.83
N GLU A 240 -6.39 -4.65 8.09
CA GLU A 240 -5.94 -5.97 8.48
C GLU A 240 -6.68 -7.06 7.71
N GLU A 241 -7.97 -6.86 7.46
CA GLU A 241 -8.80 -7.84 6.77
C GLU A 241 -8.67 -7.76 5.25
N ASP A 242 -7.86 -6.84 4.73
CA ASP A 242 -7.68 -6.64 3.30
C ASP A 242 -8.91 -6.04 2.61
N LYS A 243 -9.87 -5.51 3.36
CA LYS A 243 -11.11 -5.07 2.73
C LYS A 243 -11.00 -3.72 2.05
N LEU A 244 -10.01 -2.89 2.41
CA LEU A 244 -9.80 -1.66 1.65
C LEU A 244 -9.22 -1.98 0.28
N HIS A 245 -8.34 -2.97 0.20
CA HIS A 245 -7.86 -3.48 -1.08
C HIS A 245 -9.02 -4.01 -1.92
N ILE A 246 -9.87 -4.83 -1.32
CA ILE A 246 -11.00 -5.41 -2.06
C ILE A 246 -11.95 -4.32 -2.53
N MET A 247 -12.26 -3.36 -1.65
CA MET A 247 -13.17 -2.29 -2.03
CA MET A 247 -13.17 -2.30 -2.03
C MET A 247 -12.61 -1.47 -3.17
N LYS A 248 -11.30 -1.19 -3.14
CA LYS A 248 -10.70 -0.39 -4.21
C LYS A 248 -10.79 -1.11 -5.56
N GLU A 249 -10.51 -2.40 -5.59
CA GLU A 249 -10.60 -3.12 -6.86
C GLU A 249 -12.04 -3.26 -7.32
N LYS A 250 -13.00 -3.25 -6.38
CA LYS A 250 -14.40 -3.31 -6.77
C LYS A 250 -14.82 -2.06 -7.53
N TRP A 251 -14.33 -0.89 -7.12
CA TRP A 251 -14.81 0.35 -7.68
C TRP A 251 -13.85 1.00 -8.67
N TRP A 252 -12.59 0.56 -8.69
CA TRP A 252 -11.63 0.95 -9.72
C TRP A 252 -11.43 -0.26 -10.64
N ARG A 253 -12.17 -0.27 -11.75
CA ARG A 253 -11.99 -1.28 -12.78
C ARG A 253 -12.67 -0.78 -14.04
N GLY A 254 -11.99 -0.91 -15.17
CA GLY A 254 -12.49 -0.39 -16.44
C GLY A 254 -12.46 -1.40 -17.56
N CYS A 257 -8.83 -1.01 -20.93
CA CYS A 257 -7.91 -0.46 -21.91
C CYS A 257 -6.73 -1.40 -22.15
N ARG B 6 -4.28 -38.06 -0.81
CA ARG B 6 -2.94 -37.92 -1.36
C ARG B 6 -2.07 -36.95 -0.56
N SER B 7 -0.76 -37.25 -0.52
CA SER B 7 0.20 -36.33 0.08
C SER B 7 0.21 -35.00 -0.65
N LEU B 8 0.38 -33.93 0.11
CA LEU B 8 0.53 -32.59 -0.46
C LEU B 8 1.98 -32.33 -0.86
N ILE B 9 2.14 -31.56 -1.94
CA ILE B 9 3.45 -31.07 -2.36
C ILE B 9 3.67 -29.71 -1.72
N VAL B 10 4.72 -29.58 -0.93
CA VAL B 10 5.09 -28.34 -0.27
C VAL B 10 6.34 -27.80 -0.95
N THR B 11 6.23 -26.60 -1.53
CA THR B 11 7.39 -25.94 -2.08
C THR B 11 7.97 -24.99 -1.05
N THR B 12 9.30 -24.92 -1.01
CA THR B 12 9.98 -24.06 -0.04
C THR B 12 11.34 -23.70 -0.60
N LEU B 13 12.18 -23.11 0.25
CA LEU B 13 13.37 -22.43 -0.23
C LEU B 13 14.34 -22.31 0.94
N LEU B 14 15.61 -22.62 0.70
CA LEU B 14 16.61 -22.62 1.76
C LEU B 14 16.88 -21.21 2.23
N GLU B 15 16.71 -20.97 3.52
CA GLU B 15 16.81 -19.63 4.08
C GLU B 15 16.86 -19.71 5.60
N GLU B 16 17.98 -19.30 6.19
CA GLU B 16 18.16 -19.38 7.62
C GLU B 16 17.35 -18.30 8.32
N PRO B 17 16.70 -18.63 9.45
CA PRO B 17 16.59 -19.94 10.12
C PRO B 17 15.29 -20.66 9.78
N PHE B 18 14.72 -20.34 8.63
CA PHE B 18 13.41 -20.87 8.29
C PHE B 18 13.50 -22.30 7.75
N VAL B 19 14.40 -22.53 6.80
CA VAL B 19 14.52 -23.81 6.11
C VAL B 19 16.01 -24.05 5.85
N MET B 20 16.54 -25.14 6.39
CA MET B 20 17.96 -25.42 6.30
C MET B 20 18.18 -26.93 6.18
N PHE B 21 19.30 -27.30 5.56
CA PHE B 21 19.74 -28.70 5.60
C PHE B 21 20.32 -28.97 6.97
N ARG B 22 19.75 -29.96 7.67
CA ARG B 22 20.24 -30.24 9.01
C ARG B 22 21.56 -30.99 8.95
N LYS B 23 22.36 -30.80 9.98
CA LYS B 23 23.71 -31.36 10.03
C LYS B 23 23.65 -32.84 10.37
N SER B 24 24.35 -33.66 9.59
CA SER B 24 24.39 -35.09 9.85
C SER B 24 25.65 -35.68 9.25
N ASP B 25 26.17 -36.72 9.91
CA ASP B 25 27.33 -37.43 9.39
C ASP B 25 26.96 -38.33 8.22
N ARG B 26 25.70 -38.76 8.14
CA ARG B 26 25.25 -39.68 7.12
C ARG B 26 24.37 -38.93 6.12
N THR B 27 23.90 -39.65 5.10
CA THR B 27 23.10 -39.07 4.04
C THR B 27 21.62 -39.20 4.37
N LEU B 28 20.93 -38.07 4.46
CA LEU B 28 19.51 -38.02 4.72
C LEU B 28 18.72 -37.90 3.42
N TYR B 29 17.48 -38.38 3.44
CA TYR B 29 16.63 -38.38 2.26
C TYR B 29 15.28 -37.73 2.59
N GLY B 30 14.64 -37.22 1.54
CA GLY B 30 13.26 -36.76 1.67
C GLY B 30 13.12 -35.65 2.69
N ASN B 31 11.99 -35.65 3.39
CA ASN B 31 11.69 -34.58 4.33
C ASN B 31 12.71 -34.52 5.46
N ASP B 32 13.35 -35.65 5.77
CA ASP B 32 14.31 -35.69 6.87
C ASP B 32 15.54 -34.84 6.61
N ARG B 33 15.75 -34.37 5.38
CA ARG B 33 16.87 -33.50 5.06
C ARG B 33 16.79 -32.16 5.80
N PHE B 34 15.60 -31.71 6.17
CA PHE B 34 15.37 -30.30 6.48
C PHE B 34 15.11 -30.07 7.97
N GLU B 35 15.46 -28.86 8.40
CA GLU B 35 15.13 -28.35 9.73
C GLU B 35 14.92 -26.85 9.61
N GLY B 36 14.29 -26.28 10.63
CA GLY B 36 14.09 -24.84 10.68
C GLY B 36 12.72 -24.44 11.15
N TYR B 37 12.51 -23.13 11.33
CA TYR B 37 11.24 -22.63 11.83
C TYR B 37 10.07 -23.10 10.97
N CYS B 38 10.22 -23.00 9.64
CA CYS B 38 9.11 -23.35 8.76
C CYS B 38 8.93 -24.85 8.67
N ILE B 39 9.99 -25.63 8.90
CA ILE B 39 9.85 -27.08 8.99
C ILE B 39 9.04 -27.46 10.23
N ASP B 40 9.36 -26.84 11.36
CA ASP B 40 8.56 -27.03 12.57
C ASP B 40 7.11 -26.58 12.37
N LEU B 41 6.92 -25.44 11.70
CA LEU B 41 5.56 -24.99 11.41
C LEU B 41 4.82 -26.02 10.57
N LEU B 42 5.46 -26.53 9.54
CA LEU B 42 4.83 -27.53 8.67
C LEU B 42 4.40 -28.76 9.47
N LYS B 43 5.29 -29.26 10.32
CA LYS B 43 4.95 -30.43 11.13
C LYS B 43 3.72 -30.16 12.00
N GLU B 44 3.68 -28.99 12.65
CA GLU B 44 2.51 -28.65 13.45
C GLU B 44 1.25 -28.56 12.60
N LEU B 45 1.37 -27.97 11.41
CA LEU B 45 0.20 -27.85 10.54
C LEU B 45 -0.27 -29.21 10.06
N ALA B 46 0.67 -30.06 9.63
CA ALA B 46 0.31 -31.40 9.17
C ALA B 46 -0.40 -32.19 10.26
N HIS B 47 0.02 -32.01 11.51
CA HIS B 47 -0.62 -32.73 12.60
C HIS B 47 -2.04 -32.26 12.84
N ILE B 48 -2.23 -30.95 12.97
CA ILE B 48 -3.56 -30.40 13.24
C ILE B 48 -4.52 -30.74 12.11
N LEU B 49 -4.07 -30.60 10.87
CA LEU B 49 -4.93 -30.79 9.71
C LEU B 49 -4.88 -32.21 9.18
N GLY B 50 -4.02 -33.06 9.72
CA GLY B 50 -3.95 -34.45 9.32
C GLY B 50 -3.72 -34.69 7.85
N PHE B 51 -2.66 -34.11 7.30
CA PHE B 51 -2.22 -34.45 5.96
C PHE B 51 -0.76 -34.86 6.00
N SER B 52 -0.35 -35.61 4.98
CA SER B 52 1.06 -35.95 4.76
C SER B 52 1.56 -35.16 3.56
N TYR B 53 2.88 -35.08 3.43
CA TYR B 53 3.45 -34.11 2.52
C TYR B 53 4.84 -34.53 2.08
N GLU B 54 5.28 -33.95 0.96
CA GLU B 54 6.63 -34.11 0.46
C GLU B 54 7.20 -32.72 0.19
N ILE B 55 8.34 -32.42 0.80
CA ILE B 55 8.99 -31.12 0.62
C ILE B 55 9.80 -31.14 -0.67
N ARG B 56 9.66 -30.10 -1.47
CA ARG B 56 10.43 -29.93 -2.70
C ARG B 56 10.92 -28.50 -2.77
N LEU B 57 12.24 -28.32 -2.87
CA LEU B 57 12.79 -26.99 -3.05
C LEU B 57 12.42 -26.46 -4.43
N VAL B 58 12.00 -25.19 -4.47
CA VAL B 58 11.63 -24.57 -5.74
C VAL B 58 12.86 -24.51 -6.63
N GLU B 59 12.68 -24.90 -7.89
CA GLU B 59 13.84 -25.08 -8.79
C GLU B 59 14.65 -23.80 -8.93
N ASP B 60 14.00 -22.70 -9.28
CA ASP B 60 14.73 -21.46 -9.53
C ASP B 60 15.16 -20.74 -8.25
N GLY B 61 14.88 -21.30 -7.08
CA GLY B 61 15.36 -20.73 -5.83
C GLY B 61 14.89 -19.31 -5.57
N LYS B 62 13.71 -18.93 -6.08
CA LYS B 62 13.18 -17.59 -5.88
C LYS B 62 11.84 -17.63 -5.17
N TYR B 63 11.55 -16.55 -4.43
CA TYR B 63 10.28 -16.44 -3.74
C TYR B 63 9.16 -16.11 -4.71
N GLY B 64 9.35 -15.09 -5.54
CA GLY B 64 8.38 -14.76 -6.57
C GLY B 64 8.27 -13.28 -6.87
N ALA B 65 8.59 -12.91 -8.12
CA ALA B 65 8.33 -11.58 -8.62
C ALA B 65 7.82 -11.68 -10.06
N GLN B 66 7.34 -10.55 -10.57
CA GLN B 66 6.83 -10.46 -11.94
C GLN B 66 7.89 -9.84 -12.84
N ASP B 67 7.86 -10.25 -14.11
CA ASP B 67 8.68 -9.60 -15.13
C ASP B 67 7.85 -8.48 -15.77
N ASP B 68 8.39 -7.84 -16.81
CA ASP B 68 7.68 -6.75 -17.46
C ASP B 68 6.44 -7.23 -18.22
N LYS B 69 6.37 -8.51 -18.58
CA LYS B 69 5.18 -9.06 -19.21
C LYS B 69 4.15 -9.56 -18.21
N GLY B 70 4.43 -9.45 -16.91
CA GLY B 70 3.49 -9.84 -15.88
C GLY B 70 3.52 -11.29 -15.50
N GLN B 71 4.54 -12.05 -15.90
CA GLN B 71 4.64 -13.45 -15.57
C GLN B 71 5.44 -13.64 -14.28
N TRP B 72 5.04 -14.63 -13.48
CA TRP B 72 5.61 -14.88 -12.17
C TRP B 72 6.67 -15.98 -12.22
N ASN B 73 7.68 -15.86 -11.37
CA ASN B 73 8.66 -16.90 -11.13
C ASN B 73 8.56 -17.37 -9.67
N GLY B 74 9.46 -18.26 -9.28
CA GLY B 74 9.62 -18.61 -7.88
C GLY B 74 8.47 -19.47 -7.36
N MET B 75 8.35 -19.49 -6.02
CA MET B 75 7.28 -20.27 -5.40
C MET B 75 5.92 -19.77 -5.82
N VAL B 76 5.77 -18.46 -6.00
CA VAL B 76 4.49 -17.92 -6.49
C VAL B 76 4.09 -18.63 -7.78
N LYS B 77 5.05 -18.81 -8.69
CA LYS B 77 4.72 -19.47 -9.95
C LYS B 77 4.31 -20.92 -9.73
N GLU B 78 5.04 -21.64 -8.86
CA GLU B 78 4.69 -23.04 -8.58
C GLU B 78 3.24 -23.17 -8.14
N LEU B 79 2.76 -22.23 -7.32
CA LEU B 79 1.38 -22.27 -6.88
C LEU B 79 0.43 -21.94 -8.03
N ILE B 80 0.75 -20.89 -8.80
CA ILE B 80 -0.08 -20.53 -9.95
C ILE B 80 -0.30 -21.73 -10.86
N ASP B 81 0.78 -22.46 -11.15
CA ASP B 81 0.69 -23.63 -12.02
C ASP B 81 0.22 -24.88 -11.30
N HIS B 82 -0.18 -24.76 -10.03
CA HIS B 82 -0.69 -25.89 -9.27
C HIS B 82 0.31 -27.04 -9.24
N LYS B 83 1.61 -26.69 -9.30
CA LYS B 83 2.68 -27.67 -9.13
C LYS B 83 2.99 -27.95 -7.66
N ALA B 84 2.45 -27.16 -6.75
CA ALA B 84 2.58 -27.41 -5.32
C ALA B 84 1.28 -27.01 -4.65
N ASP B 85 0.93 -27.73 -3.58
CA ASP B 85 -0.29 -27.43 -2.85
C ASP B 85 -0.07 -26.31 -1.83
N LEU B 86 1.12 -26.22 -1.26
CA LEU B 86 1.44 -25.25 -0.22
C LEU B 86 2.82 -24.69 -0.46
N ALA B 87 2.98 -23.40 -0.17
CA ALA B 87 4.30 -22.78 -0.05
C ALA B 87 4.50 -22.49 1.44
N VAL B 88 5.31 -23.31 2.09
CA VAL B 88 5.62 -23.15 3.50
C VAL B 88 7.01 -22.52 3.57
N ALA B 89 7.03 -21.20 3.71
CA ALA B 89 8.24 -20.42 3.68
C ALA B 89 7.91 -19.04 4.24
N PRO B 90 8.92 -18.22 4.53
CA PRO B 90 8.64 -16.83 4.89
C PRO B 90 8.14 -16.03 3.70
N LEU B 91 6.99 -16.40 3.16
CA LEU B 91 6.46 -15.79 1.95
C LEU B 91 5.69 -14.53 2.34
N THR B 92 6.23 -13.38 1.98
CA THR B 92 5.65 -12.11 2.40
C THR B 92 4.31 -11.87 1.72
N ILE B 93 3.31 -11.54 2.53
CA ILE B 93 1.97 -11.24 2.03
C ILE B 93 1.97 -9.83 1.45
N THR B 94 1.75 -9.72 0.14
CA THR B 94 1.67 -8.43 -0.52
C THR B 94 0.40 -8.39 -1.36
N HIS B 95 -0.13 -7.17 -1.56
CA HIS B 95 -1.35 -7.02 -2.33
C HIS B 95 -1.16 -7.48 -3.77
N VAL B 96 0.04 -7.28 -4.33
CA VAL B 96 0.33 -7.73 -5.69
C VAL B 96 0.25 -9.26 -5.76
N ARG B 97 0.86 -9.94 -4.80
CA ARG B 97 0.84 -11.40 -4.80
C ARG B 97 -0.56 -11.94 -4.57
N GLU B 98 -1.38 -11.23 -3.78
CA GLU B 98 -2.74 -11.66 -3.51
C GLU B 98 -3.58 -11.79 -4.78
N LYS B 99 -3.22 -11.06 -5.84
CA LYS B 99 -3.94 -11.16 -7.10
C LYS B 99 -3.64 -12.46 -7.83
N ALA B 100 -2.60 -13.17 -7.44
CA ALA B 100 -2.16 -14.38 -8.13
C ALA B 100 -2.29 -15.64 -7.30
N ILE B 101 -2.16 -15.54 -5.98
CA ILE B 101 -2.26 -16.69 -5.09
C ILE B 101 -3.05 -16.28 -3.86
N ASP B 102 -3.38 -17.28 -3.04
CA ASP B 102 -4.02 -17.05 -1.75
C ASP B 102 -3.00 -17.21 -0.64
N PHE B 103 -3.20 -16.46 0.44
CA PHE B 103 -2.39 -16.54 1.64
C PHE B 103 -3.27 -16.92 2.82
N SER B 104 -2.75 -17.75 3.71
CA SER B 104 -3.33 -17.88 5.03
C SER B 104 -3.22 -16.54 5.76
N LYS B 105 -3.84 -16.46 6.94
CA LYS B 105 -3.52 -15.37 7.83
C LYS B 105 -2.04 -15.45 8.20
N PRO B 106 -1.43 -14.33 8.59
CA PRO B 106 0.01 -14.34 8.86
C PRO B 106 0.34 -15.18 10.08
N PHE B 107 1.46 -15.91 10.00
CA PHE B 107 2.00 -16.58 11.17
C PHE B 107 3.14 -15.81 11.82
N MET B 108 3.58 -14.72 11.19
CA MET B 108 4.67 -13.90 11.69
C MET B 108 4.56 -12.53 11.03
N THR B 109 4.80 -11.48 11.82
CA THR B 109 4.82 -10.12 11.32
C THR B 109 6.23 -9.55 11.35
N LEU B 110 6.47 -8.56 10.51
CA LEU B 110 7.82 -8.07 10.25
C LEU B 110 7.71 -6.72 9.53
N GLY B 111 8.86 -6.20 9.11
CA GLY B 111 8.89 -5.02 8.27
C GLY B 111 10.24 -4.88 7.62
N VAL B 112 10.29 -4.03 6.58
CA VAL B 112 11.56 -3.70 5.94
C VAL B 112 12.39 -2.84 6.88
N SER B 113 13.69 -3.14 6.94
CA SER B 113 14.62 -2.31 7.68
C SER B 113 15.99 -2.41 7.03
N ILE B 114 17.03 -1.97 7.73
CA ILE B 114 18.35 -1.77 7.15
C ILE B 114 19.38 -2.54 7.97
N LEU B 115 20.22 -3.32 7.28
CA LEU B 115 21.35 -3.99 7.91
C LEU B 115 22.63 -3.24 7.55
N TYR B 116 23.40 -2.85 8.56
CA TYR B 116 24.60 -2.07 8.33
C TYR B 116 25.58 -2.33 9.47
N ARG B 117 26.78 -1.77 9.32
CA ARG B 117 27.79 -1.88 10.36
C ARG B 117 27.41 -1.06 11.58
N LYS B 118 27.88 -1.51 12.73
CA LYS B 118 27.60 -0.84 14.00
C LYS B 118 28.27 0.52 14.04
N PRO B 121 27.85 5.37 13.30
CA PRO B 121 27.86 6.01 11.98
C PRO B 121 26.52 6.64 11.58
N ILE B 122 25.48 5.82 11.49
CA ILE B 122 24.18 6.21 10.97
C ILE B 122 23.09 5.68 11.90
N ASP B 123 21.99 6.45 11.98
CA ASP B 123 20.88 6.12 12.87
C ASP B 123 19.52 6.11 12.16
N SER B 124 19.48 6.25 10.83
CA SER B 124 18.20 6.35 10.14
C SER B 124 18.38 6.11 8.65
N ALA B 125 17.27 5.76 8.00
CA ALA B 125 17.26 5.49 6.56
C ALA B 125 17.51 6.72 5.71
N ASP B 126 16.78 7.81 5.97
CA ASP B 126 16.77 8.92 5.01
C ASP B 126 18.17 9.43 4.69
N ASP B 127 19.08 9.40 5.65
CA ASP B 127 20.48 9.80 5.40
C ASP B 127 20.95 9.13 4.12
N LEU B 128 20.85 7.81 4.11
CA LEU B 128 21.18 6.99 2.97
C LEU B 128 20.72 7.54 1.62
N ALA B 129 19.47 8.03 1.54
CA ALA B 129 18.95 8.52 0.26
C ALA B 129 19.56 9.86 -0.15
N LYS B 130 20.03 10.67 0.80
CA LYS B 130 20.76 11.88 0.46
C LYS B 130 22.23 11.61 0.15
N GLN B 131 22.77 10.49 0.61
CA GLN B 131 24.19 10.21 0.53
C GLN B 131 24.52 9.31 -0.65
N THR B 132 25.80 9.32 -1.02
CA THR B 132 26.29 8.59 -2.20
C THR B 132 27.50 7.73 -1.85
N LYS B 133 28.24 8.13 -0.80
CA LYS B 133 29.44 7.40 -0.43
C LYS B 133 29.12 5.95 -0.09
N ILE B 134 28.09 5.73 0.73
CA ILE B 134 27.72 4.39 1.17
C ILE B 134 26.79 3.79 0.12
N GLU B 135 27.22 2.70 -0.49
CA GLU B 135 26.37 1.98 -1.41
C GLU B 135 25.24 1.28 -0.64
N TYR B 136 24.17 0.95 -1.36
CA TYR B 136 23.05 0.26 -0.74
C TYR B 136 22.20 -0.41 -1.80
N GLY B 137 21.44 -1.41 -1.35
CA GLY B 137 20.63 -2.16 -2.27
C GLY B 137 19.75 -3.14 -1.53
N ALA B 138 19.29 -4.14 -2.28
CA ALA B 138 18.36 -5.14 -1.77
C ALA B 138 18.50 -6.37 -2.64
N VAL B 139 17.90 -7.47 -2.18
CA VAL B 139 17.87 -8.68 -2.99
C VAL B 139 17.01 -8.40 -4.22
N LYS B 140 17.52 -8.79 -5.38
CA LYS B 140 16.81 -8.57 -6.63
C LYS B 140 15.56 -9.45 -6.67
N ASP B 141 14.43 -8.86 -7.04
CA ASP B 141 13.14 -9.53 -7.15
C ASP B 141 12.58 -9.97 -5.80
N GLY B 142 13.14 -9.48 -4.69
CA GLY B 142 12.53 -9.70 -3.40
C GLY B 142 11.39 -8.74 -3.12
N ALA B 143 10.52 -9.14 -2.19
CA ALA B 143 9.44 -8.24 -1.78
C ALA B 143 9.99 -6.89 -1.34
N THR B 144 11.18 -6.87 -0.73
CA THR B 144 11.79 -5.61 -0.33
C THR B 144 12.16 -4.77 -1.54
N MET B 145 12.74 -5.39 -2.57
CA MET B 145 13.01 -4.68 -3.81
C MET B 145 11.72 -4.19 -4.45
N THR B 146 10.73 -5.07 -4.59
CA THR B 146 9.45 -4.69 -5.16
C THR B 146 8.85 -3.51 -4.41
N PHE B 147 9.05 -3.46 -3.10
CA PHE B 147 8.53 -2.34 -2.31
C PHE B 147 9.09 -1.02 -2.81
N PHE B 148 10.41 -0.92 -2.96
CA PHE B 148 11.01 0.32 -3.44
C PHE B 148 10.64 0.60 -4.88
N LYS B 149 10.69 -0.42 -5.74
CA LYS B 149 10.33 -0.23 -7.14
C LYS B 149 8.92 0.33 -7.29
N LYS B 150 7.94 -0.31 -6.65
CA LYS B 150 6.55 0.09 -6.81
C LYS B 150 6.19 1.33 -6.01
N SER B 151 7.08 1.80 -5.15
CA SER B 151 6.72 2.88 -4.24
C SER B 151 6.44 4.15 -5.03
N LYS B 152 5.37 4.84 -4.65
CA LYS B 152 5.07 6.18 -5.14
C LYS B 152 5.52 7.25 -4.17
N ILE B 153 6.26 6.87 -3.13
CA ILE B 153 6.81 7.84 -2.19
C ILE B 153 8.13 8.37 -2.76
N SER B 154 8.35 9.67 -2.61
CA SER B 154 9.51 10.32 -3.21
C SER B 154 10.81 9.68 -2.74
N THR B 155 11.05 9.68 -1.42
CA THR B 155 12.35 9.27 -0.89
C THR B 155 12.69 7.82 -1.18
N PHE B 156 11.71 7.00 -1.56
CA PHE B 156 11.96 5.59 -1.90
C PHE B 156 12.03 5.35 -3.40
N GLU B 157 11.28 6.11 -4.20
CA GLU B 157 11.58 6.18 -5.63
C GLU B 157 13.00 6.69 -5.85
N LYS B 158 13.51 7.48 -4.90
CA LYS B 158 14.89 7.95 -4.92
C LYS B 158 15.84 6.78 -4.69
N MET B 159 15.82 6.22 -3.48
CA MET B 159 16.62 5.03 -3.19
C MET B 159 16.50 4.01 -4.31
N TRP B 160 15.28 3.88 -4.85
CA TRP B 160 15.10 2.97 -5.97
C TRP B 160 15.91 3.40 -7.18
N ALA B 161 15.98 4.71 -7.44
CA ALA B 161 16.79 5.20 -8.56
C ALA B 161 18.25 4.80 -8.37
N PHE B 162 18.81 5.07 -7.20
CA PHE B 162 20.20 4.73 -6.91
C PHE B 162 20.44 3.24 -7.09
N MET B 163 19.73 2.41 -6.32
CA MET B 163 19.97 0.97 -6.35
C MET B 163 19.62 0.36 -7.70
N SER B 164 18.74 1.02 -8.47
CA SER B 164 18.40 0.52 -9.80
C SER B 164 19.42 0.92 -10.85
N SER B 165 20.21 1.95 -10.59
CA SER B 165 21.27 2.36 -11.52
C SER B 165 22.51 1.50 -11.35
N LYS B 166 23.08 1.51 -10.15
CA LYS B 166 24.25 0.70 -9.82
C LYS B 166 23.92 -0.77 -9.99
N PRO B 167 24.46 -1.45 -11.01
CA PRO B 167 24.13 -2.86 -11.21
C PRO B 167 24.84 -3.79 -10.25
N SER B 168 25.62 -3.23 -9.32
CA SER B 168 26.17 -3.97 -8.19
C SER B 168 25.33 -3.80 -6.92
N ALA B 169 24.40 -2.85 -6.92
CA ALA B 169 23.60 -2.60 -5.72
C ALA B 169 22.70 -3.78 -5.38
N LEU B 170 22.02 -4.32 -6.38
CA LEU B 170 21.10 -5.43 -6.15
C LEU B 170 21.88 -6.74 -6.11
N VAL B 171 21.59 -7.56 -5.09
CA VAL B 171 22.30 -8.81 -4.87
C VAL B 171 21.36 -9.97 -5.18
N LYS B 172 21.94 -11.16 -5.32
CA LYS B 172 21.18 -12.33 -5.74
C LYS B 172 20.39 -12.95 -4.60
N ASN B 173 20.87 -12.81 -3.37
CA ASN B 173 20.18 -13.37 -2.21
C ASN B 173 20.75 -12.72 -0.96
N ASN B 174 20.12 -13.02 0.18
CA ASN B 174 20.56 -12.44 1.45
C ASN B 174 21.99 -12.84 1.76
N GLU B 175 22.36 -14.09 1.46
CA GLU B 175 23.71 -14.55 1.73
C GLU B 175 24.74 -13.63 1.07
N GLU B 176 24.56 -13.35 -0.23
CA GLU B 176 25.47 -12.43 -0.92
C GLU B 176 25.37 -11.03 -0.33
N GLY B 177 24.15 -10.59 0.00
CA GLY B 177 23.99 -9.25 0.53
C GLY B 177 24.68 -9.06 1.86
N ILE B 178 24.53 -10.03 2.76
CA ILE B 178 25.19 -9.94 4.06
C ILE B 178 26.70 -9.97 3.87
N GLN B 179 27.18 -10.77 2.91
CA GLN B 179 28.60 -10.81 2.63
C GLN B 179 29.11 -9.45 2.17
N ARG B 180 28.31 -8.72 1.39
CA ARG B 180 28.73 -7.40 0.92
C ARG B 180 28.78 -6.40 2.08
N THR B 181 27.82 -6.47 3.01
CA THR B 181 27.88 -5.57 4.17
C THR B 181 29.13 -5.82 5.00
N LEU B 182 29.65 -7.05 4.96
CA LEU B 182 30.81 -7.41 5.77
C LEU B 182 32.13 -7.09 5.09
N THR B 183 32.16 -7.03 3.76
CA THR B 183 33.39 -6.77 3.03
C THR B 183 33.47 -5.35 2.47
N ALA B 184 32.36 -4.81 1.99
CA ALA B 184 32.33 -3.47 1.40
C ALA B 184 31.61 -2.50 2.33
N ASP B 185 31.52 -1.24 1.89
CA ASP B 185 30.79 -0.19 2.60
C ASP B 185 29.39 -0.16 2.04
N TYR B 186 28.51 -1.00 2.58
CA TYR B 186 27.24 -1.31 1.94
C TYR B 186 26.19 -1.62 2.99
N ALA B 187 25.00 -1.08 2.79
CA ALA B 187 23.86 -1.30 3.68
C ALA B 187 22.80 -2.09 2.93
N LEU B 188 22.29 -3.14 3.56
CA LEU B 188 21.35 -4.05 2.92
C LEU B 188 19.93 -3.76 3.39
N LEU B 189 19.03 -3.54 2.43
CA LEU B 189 17.61 -3.43 2.71
C LEU B 189 16.99 -4.82 2.66
N MET B 190 16.42 -5.24 3.78
CA MET B 190 15.88 -6.59 3.92
C MET B 190 14.83 -6.57 5.01
N GLU B 191 14.36 -7.74 5.40
CA GLU B 191 13.26 -7.86 6.34
C GLU B 191 13.79 -8.04 7.76
N SER B 192 13.06 -7.50 8.73
CA SER B 192 13.53 -7.41 10.10
C SER B 192 13.76 -8.77 10.73
N THR B 193 13.07 -9.80 10.24
CA THR B 193 13.27 -11.15 10.77
C THR B 193 14.69 -11.62 10.53
N THR B 194 15.16 -11.52 9.29
CA THR B 194 16.54 -11.86 8.99
C THR B 194 17.51 -10.99 9.78
N ILE B 195 17.19 -9.69 9.90
CA ILE B 195 18.11 -8.78 10.58
C ILE B 195 18.30 -9.19 12.03
N GLU B 196 17.21 -9.55 12.71
CA GLU B 196 17.33 -10.00 14.09
C GLU B 196 18.16 -11.27 14.17
N TYR B 197 17.93 -12.20 13.24
CA TYR B 197 18.72 -13.43 13.22
C TYR B 197 20.20 -13.11 13.07
N ILE B 198 20.54 -12.24 12.11
CA ILE B 198 21.94 -11.94 11.83
C ILE B 198 22.57 -11.15 12.97
N THR B 199 21.87 -10.11 13.46
CA THR B 199 22.48 -9.24 14.47
C THR B 199 22.60 -9.92 15.82
N GLN B 200 21.85 -11.00 16.06
CA GLN B 200 22.05 -11.79 17.27
C GLN B 200 23.32 -12.63 17.18
N ARG B 201 23.84 -12.85 15.98
CA ARG B 201 24.97 -13.74 15.77
C ARG B 201 26.22 -13.01 15.29
N ASN B 202 26.10 -11.73 14.93
CA ASN B 202 27.23 -10.92 14.47
C ASN B 202 27.16 -9.59 15.19
N CYS B 203 28.05 -9.38 16.16
CA CYS B 203 27.99 -8.22 17.02
C CYS B 203 28.51 -6.94 16.37
N ASN B 204 29.08 -7.02 15.18
CA ASN B 204 29.53 -5.85 14.45
C ASN B 204 28.49 -5.31 13.48
N LEU B 205 27.39 -6.04 13.26
CA LEU B 205 26.28 -5.56 12.47
C LEU B 205 25.11 -5.17 13.38
N THR B 206 24.20 -4.39 12.84
CA THR B 206 23.08 -3.88 13.61
C THR B 206 22.00 -3.41 12.66
N GLN B 207 20.78 -3.29 13.17
CA GLN B 207 19.70 -2.68 12.41
C GLN B 207 19.83 -1.17 12.49
N ILE B 208 19.60 -0.50 11.36
CA ILE B 208 19.66 0.96 11.30
C ILE B 208 18.22 1.47 11.33
N GLY B 209 17.90 2.23 12.36
CA GLY B 209 16.57 2.75 12.48
C GLY B 209 15.59 1.64 12.82
N GLY B 210 14.33 1.90 12.49
CA GLY B 210 13.25 0.96 12.76
C GLY B 210 12.69 0.32 11.51
N LEU B 211 11.42 -0.05 11.57
CA LEU B 211 10.74 -0.67 10.44
C LEU B 211 10.20 0.39 9.51
N ILE B 212 10.35 0.16 8.21
CA ILE B 212 9.91 1.10 7.18
C ILE B 212 8.52 0.76 6.66
N ASP B 213 8.04 -0.47 6.86
CA ASP B 213 6.65 -0.80 6.64
C ASP B 213 6.30 -1.92 7.61
N SER B 214 5.11 -2.50 7.44
CA SER B 214 4.63 -3.55 8.31
C SER B 214 3.89 -4.56 7.46
N LYS B 215 4.19 -5.83 7.65
CA LYS B 215 3.58 -6.89 6.85
C LYS B 215 3.77 -8.22 7.58
N GLY B 216 3.29 -9.28 6.95
CA GLY B 216 3.34 -10.60 7.55
C GLY B 216 3.78 -11.66 6.55
N TYR B 217 4.17 -12.79 7.10
CA TYR B 217 4.41 -14.01 6.33
C TYR B 217 3.18 -14.89 6.42
N GLY B 218 2.77 -15.46 5.29
CA GLY B 218 1.67 -16.39 5.26
C GLY B 218 2.02 -17.62 4.46
N ILE B 219 1.29 -18.69 4.72
CA ILE B 219 1.38 -19.87 3.88
C ILE B 219 0.66 -19.59 2.57
N GLY B 220 1.37 -19.80 1.45
CA GLY B 220 0.79 -19.60 0.14
C GLY B 220 0.10 -20.86 -0.35
N THR B 221 -1.03 -20.67 -1.04
CA THR B 221 -1.74 -21.75 -1.68
C THR B 221 -2.17 -21.28 -3.06
N PRO B 222 -2.46 -22.20 -3.97
CA PRO B 222 -3.06 -21.78 -5.24
C PRO B 222 -4.38 -21.09 -4.97
N MET B 223 -4.69 -20.07 -5.76
CA MET B 223 -5.92 -19.32 -5.56
C MET B 223 -7.12 -20.24 -5.53
N GLY B 224 -7.97 -20.06 -4.52
CA GLY B 224 -9.13 -20.89 -4.33
C GLY B 224 -8.90 -22.21 -3.61
N SER B 225 -7.69 -22.44 -3.10
CA SER B 225 -7.43 -23.70 -2.43
C SER B 225 -8.26 -23.82 -1.14
N PRO B 226 -8.85 -24.99 -0.87
CA PRO B 226 -9.52 -25.18 0.42
C PRO B 226 -8.56 -25.19 1.61
N TYR B 227 -7.27 -25.41 1.38
CA TYR B 227 -6.34 -25.48 2.49
C TYR B 227 -6.05 -24.12 3.09
N ARG B 228 -6.29 -23.03 2.36
CA ARG B 228 -5.94 -21.72 2.86
C ARG B 228 -6.64 -21.45 4.19
N ASP B 229 -7.97 -21.63 4.23
CA ASP B 229 -8.72 -21.35 5.46
C ASP B 229 -8.43 -22.40 6.52
N LYS B 230 -8.17 -23.64 6.12
CA LYS B 230 -7.79 -24.68 7.08
C LYS B 230 -6.49 -24.32 7.77
N ILE B 231 -5.50 -23.84 7.00
CA ILE B 231 -4.22 -23.45 7.58
C ILE B 231 -4.37 -22.21 8.45
N THR B 232 -5.25 -21.29 8.06
CA THR B 232 -5.54 -20.14 8.91
C THR B 232 -6.05 -20.60 10.26
N ILE B 233 -7.01 -21.53 10.26
CA ILE B 233 -7.55 -22.04 11.52
C ILE B 233 -6.44 -22.69 12.35
N ALA B 234 -5.55 -23.44 11.69
CA ALA B 234 -4.46 -24.08 12.41
C ALA B 234 -3.47 -23.06 12.97
N ILE B 235 -3.15 -22.02 12.20
CA ILE B 235 -2.24 -20.98 12.69
C ILE B 235 -2.83 -20.32 13.92
N LEU B 236 -4.13 -20.02 13.89
CA LEU B 236 -4.78 -19.40 15.04
C LEU B 236 -4.68 -20.29 16.27
N GLN B 237 -4.82 -21.61 16.08
CA GLN B 237 -4.67 -22.54 17.19
C GLN B 237 -3.24 -22.51 17.74
N LEU B 238 -2.25 -22.54 16.84
CA LEU B 238 -0.85 -22.54 17.29
C LEU B 238 -0.52 -21.24 18.01
N GLN B 239 -1.07 -20.12 17.56
CA GLN B 239 -0.90 -18.86 18.30
C GLN B 239 -1.50 -18.99 19.69
N GLU B 240 -2.75 -19.44 19.77
CA GLU B 240 -3.43 -19.60 21.04
C GLU B 240 -2.67 -20.55 21.97
N GLU B 241 -2.08 -21.61 21.42
CA GLU B 241 -1.37 -22.61 22.20
C GLU B 241 0.06 -22.18 22.57
N ASP B 242 0.48 -20.98 22.21
CA ASP B 242 1.82 -20.47 22.49
C ASP B 242 2.91 -21.17 21.69
N LYS B 243 2.57 -21.92 20.65
CA LYS B 243 3.58 -22.70 19.95
C LYS B 243 4.35 -21.88 18.93
N LEU B 244 3.77 -20.79 18.39
CA LEU B 244 4.55 -19.89 17.54
C LEU B 244 5.54 -19.09 18.37
N HIS B 245 5.16 -18.75 19.60
CA HIS B 245 6.09 -18.16 20.55
C HIS B 245 7.29 -19.07 20.80
N ILE B 246 7.03 -20.35 21.07
CA ILE B 246 8.11 -21.29 21.33
C ILE B 246 8.98 -21.47 20.09
N MET B 247 8.36 -21.59 18.92
CA MET B 247 9.13 -21.87 17.71
C MET B 247 10.07 -20.72 17.37
N LYS B 248 9.62 -19.49 17.57
CA LYS B 248 10.46 -18.35 17.25
C LYS B 248 11.69 -18.31 18.16
N GLU B 249 11.49 -18.56 19.45
CA GLU B 249 12.60 -18.54 20.40
C GLU B 249 13.56 -19.71 20.16
N LYS B 250 13.06 -20.80 19.58
CA LYS B 250 13.93 -21.93 19.24
C LYS B 250 14.89 -21.59 18.12
N TRP B 251 14.45 -20.82 17.12
CA TRP B 251 15.27 -20.57 15.94
C TRP B 251 15.90 -19.19 15.91
N TRP B 252 15.41 -18.26 16.73
CA TRP B 252 16.09 -17.00 17.00
C TRP B 252 16.60 -17.13 18.42
N ARG B 253 17.79 -17.70 18.58
CA ARG B 253 18.22 -18.22 19.87
C ARG B 253 18.62 -17.14 20.86
N GLY B 254 18.82 -15.91 20.42
CA GLY B 254 19.18 -14.84 21.32
C GLY B 254 20.60 -14.33 21.08
N SER B 255 20.82 -13.09 21.49
CA SER B 255 22.08 -12.40 21.22
C SER B 255 23.12 -12.80 22.26
N GLY B 256 24.32 -13.12 21.79
CA GLY B 256 25.49 -13.22 22.63
C GLY B 256 26.30 -11.95 22.63
N CYS B 257 25.73 -10.85 22.15
CA CYS B 257 26.49 -9.64 21.87
C CYS B 257 26.40 -8.66 23.03
N PRO B 258 27.50 -8.41 23.75
CA PRO B 258 27.52 -7.22 24.62
C PRO B 258 27.33 -5.94 23.83
#